data_4ZAX
#
_entry.id   4ZAX
#
_cell.length_a   141.790
_cell.length_b   141.790
_cell.length_c   141.790
_cell.angle_alpha   90.00
_cell.angle_beta   90.00
_cell.angle_gamma   90.00
#
_symmetry.space_group_name_H-M   'F 2 3'
#
loop_
_entity.id
_entity.type
_entity.pdbx_description
1 polymer UbiX
2 non-polymer '1-deoxy-5-O-phosphono-1-(3,3,4,5-tetramethyl-9,11-dioxo-2,3,8,9,10,11-hexahydro-7H-quinolino[1,8-fg]pteridin-12-ium-7-y l)-D-ribitol'
3 non-polymer 'THIOCYANATE ION'
4 non-polymer 'PHOSPHATE ION'
5 water water
#
_entity_poly.entity_id   1
_entity_poly.type   'polypeptide(L)'
_entity_poly.pdbx_seq_one_letter_code
;MSGPERITLAMTGASGAQYGLRLLDCLVQEEREVHFLISKAAQLVMATETDVALPAKPQAMQAFLTEYCGAAAGQIRVFG
QNDWMAPPASGSSAPNAMVICPCSTGTLSAVATGACNNLIERAADVALKERRPLVLVPREAPFSSIHLENMLKLSNLGAV
ILPAAPGFYHQPQSVEDLVDFVVARILNTLGIPQDMLPRWGEQHLVSDE
;
_entity_poly.pdbx_strand_id   A
#
loop_
_chem_comp.id
_chem_comp.type
_chem_comp.name
_chem_comp.formula
4LU non-polymer '1-deoxy-5-O-phosphono-1-(3,3,4,5-tetramethyl-9,11-dioxo-2,3,8,9,10,11-hexahydro-7H-quinolino[1,8-fg]pteridin-12-ium-7-y l)-D-ribitol' 'C22 H30 N4 O9 P 1'
PO4 non-polymer 'PHOSPHATE ION' 'O4 P -3'
SCN non-polymer 'THIOCYANATE ION' 'C N S -1'
#
# COMPACT_ATOMS: atom_id res chain seq x y z
N MET A 1 15.86 -7.55 11.94
CA MET A 1 14.51 -7.04 11.50
C MET A 1 13.85 -8.00 10.49
N SER A 2 12.61 -8.36 10.77
CA SER A 2 11.85 -9.20 9.86
C SER A 2 11.11 -8.31 8.82
N GLY A 3 11.04 -8.82 7.59
CA GLY A 3 10.36 -8.08 6.59
C GLY A 3 11.30 -7.15 5.89
N PRO A 4 10.78 -6.48 4.87
CA PRO A 4 11.63 -5.61 4.08
C PRO A 4 12.05 -4.32 4.75
N GLU A 5 13.26 -3.89 4.40
CA GLU A 5 13.79 -2.57 4.85
C GLU A 5 13.13 -1.41 4.24
N ARG A 6 12.74 -1.56 2.94
CA ARG A 6 12.18 -0.47 2.14
C ARG A 6 10.84 -0.95 1.49
N ILE A 7 9.87 -0.08 1.58
CA ILE A 7 8.53 -0.35 0.96
C ILE A 7 8.29 0.80 0.02
N THR A 8 7.84 0.53 -1.20
CA THR A 8 7.23 1.51 -2.06
C THR A 8 5.74 1.46 -1.78
N LEU A 9 5.19 2.57 -1.32
CA LEU A 9 3.76 2.71 -0.99
C LEU A 9 3.17 3.64 -1.98
N ALA A 10 2.29 3.11 -2.83
CA ALA A 10 1.55 3.83 -3.80
C ALA A 10 0.12 3.96 -3.45
N MET A 11 -0.39 5.17 -3.44
CA MET A 11 -1.79 5.40 -3.23
C MET A 11 -2.42 5.82 -4.55
N THR A 12 -3.51 5.14 -4.93
CA THR A 12 -4.24 5.45 -6.15
C THR A 12 -5.74 5.73 -5.83
N GLY A 13 -6.44 6.09 -6.85
CA GLY A 13 -7.73 6.71 -6.72
C GLY A 13 -8.95 5.88 -6.36
N ALA A 14 -8.84 4.95 -5.43
CA ALA A 14 -9.99 4.23 -4.94
C ALA A 14 -10.30 4.89 -3.55
N SER A 15 -11.53 4.75 -3.14
CA SER A 15 -11.90 5.03 -1.73
C SER A 15 -11.10 4.24 -0.79
N GLY A 16 -10.79 4.85 0.34
CA GLY A 16 -9.94 4.21 1.33
C GLY A 16 -8.61 4.84 1.62
N ALA A 17 -8.54 6.15 1.42
CA ALA A 17 -7.33 6.89 1.76
C ALA A 17 -6.86 6.59 3.20
N GLN A 18 -7.79 6.37 4.13
CA GLN A 18 -7.41 6.10 5.49
C GLN A 18 -6.49 4.84 5.65
N TYR A 19 -6.68 3.82 4.78
CA TYR A 19 -5.87 2.68 4.86
C TYR A 19 -4.44 2.98 4.49
N GLY A 20 -4.25 3.75 3.44
CA GLY A 20 -2.90 4.11 3.03
C GLY A 20 -2.13 4.98 4.02
N LEU A 21 -2.84 5.90 4.61
CA LEU A 21 -2.21 6.78 5.66
C LEU A 21 -1.88 6.03 6.90
N ARG A 22 -2.73 5.09 7.34
CA ARG A 22 -2.49 4.29 8.46
C ARG A 22 -1.33 3.35 8.21
N LEU A 23 -1.26 2.71 7.02
CA LEU A 23 -0.15 1.92 6.71
C LEU A 23 1.22 2.67 6.73
N LEU A 24 1.22 3.84 6.14
CA LEU A 24 2.35 4.77 6.06
C LEU A 24 2.82 4.94 7.51
N ASP A 25 1.91 5.26 8.39
CA ASP A 25 2.23 5.54 9.82
C ASP A 25 2.80 4.31 10.54
N CYS A 26 2.20 3.14 10.33
CA CYS A 26 2.74 1.92 10.87
C CYS A 26 4.14 1.57 10.33
N LEU A 27 4.36 1.76 9.01
CA LEU A 27 5.65 1.48 8.44
C LEU A 27 6.77 2.37 9.06
N VAL A 28 6.41 3.60 9.24
CA VAL A 28 7.31 4.60 9.86
C VAL A 28 7.61 4.19 11.28
N GLN A 29 6.62 3.77 12.03
CA GLN A 29 6.90 3.30 13.36
C GLN A 29 7.73 2.07 13.41
N GLU A 30 7.67 1.18 12.40
CA GLU A 30 8.56 0.07 12.36
C GLU A 30 9.93 0.35 11.73
N GLU A 31 10.27 1.64 11.61
CA GLU A 31 11.57 2.15 11.16
C GLU A 31 11.92 1.72 9.77
N ARG A 32 10.90 1.58 8.94
CA ARG A 32 11.20 1.29 7.55
C ARG A 32 11.33 2.51 6.71
N GLU A 33 12.01 2.35 5.57
CA GLU A 33 12.15 3.43 4.62
C GLU A 33 10.95 3.30 3.66
N VAL A 34 10.32 4.41 3.39
CA VAL A 34 9.09 4.41 2.52
C VAL A 34 9.31 5.25 1.34
N HIS A 35 9.07 4.69 0.13
CA HIS A 35 9.11 5.47 -1.11
C HIS A 35 7.66 5.71 -1.51
N PHE A 36 7.18 6.91 -1.27
CA PHE A 36 5.77 7.22 -1.33
C PHE A 36 5.42 7.83 -2.64
N LEU A 37 4.38 7.27 -3.33
CA LEU A 37 3.90 7.69 -4.60
C LEU A 37 2.36 7.85 -4.45
N ILE A 38 1.81 8.91 -5.03
CA ILE A 38 0.38 9.18 -4.95
C ILE A 38 -0.11 9.73 -6.27
N SER A 39 -1.23 9.22 -6.80
CA SER A 39 -1.75 9.67 -8.06
C SER A 39 -2.60 10.96 -7.84
N LYS A 40 -2.88 11.66 -8.95
CA LYS A 40 -3.72 12.81 -8.89
C LYS A 40 -5.10 12.46 -8.39
N ALA A 41 -5.67 11.38 -8.92
CA ALA A 41 -6.99 10.96 -8.42
C ALA A 41 -6.97 10.61 -6.91
N ALA A 42 -5.90 10.02 -6.39
CA ALA A 42 -5.78 9.68 -5.01
C ALA A 42 -5.74 10.98 -4.17
N GLN A 43 -5.02 11.97 -4.68
CA GLN A 43 -5.02 13.28 -3.99
C GLN A 43 -6.43 13.84 -3.88
N LEU A 44 -7.28 13.66 -4.87
CA LEU A 44 -8.68 14.15 -4.82
CA LEU A 44 -8.69 14.12 -4.85
C LEU A 44 -9.47 13.26 -3.88
N VAL A 45 -9.23 11.95 -3.87
CA VAL A 45 -9.87 11.14 -2.83
C VAL A 45 -9.52 11.57 -1.39
N MET A 46 -8.22 11.80 -1.12
CA MET A 46 -7.77 12.12 0.26
C MET A 46 -8.46 13.48 0.70
N ALA A 47 -8.64 14.34 -0.27
CA ALA A 47 -9.31 15.70 -0.04
C ALA A 47 -10.77 15.47 0.28
N THR A 48 -11.45 14.65 -0.52
CA THR A 48 -12.90 14.29 -0.38
C THR A 48 -13.20 13.55 0.93
N GLU A 49 -12.38 12.59 1.38
CA GLU A 49 -12.76 11.64 2.44
C GLU A 49 -12.09 11.90 3.68
N THR A 50 -11.03 12.72 3.74
CA THR A 50 -10.29 12.89 5.01
C THR A 50 -10.13 14.39 5.28
N ASP A 51 -9.61 14.68 6.44
CA ASP A 51 -9.25 16.08 6.75
C ASP A 51 -7.77 16.27 6.72
N VAL A 52 -7.09 15.45 5.92
CA VAL A 52 -5.67 15.60 5.73
C VAL A 52 -5.47 16.52 4.55
N ALA A 53 -4.80 17.65 4.81
CA ALA A 53 -4.53 18.64 3.78
C ALA A 53 -3.13 18.40 3.22
N LEU A 54 -3.06 17.59 2.18
CA LEU A 54 -1.81 17.15 1.72
C LEU A 54 -1.37 18.09 0.62
N PRO A 55 -0.19 18.74 0.78
CA PRO A 55 0.35 19.58 -0.26
C PRO A 55 0.56 18.87 -1.58
N ALA A 56 0.43 19.59 -2.70
CA ALA A 56 0.54 18.97 -4.02
C ALA A 56 1.93 18.58 -4.47
N LYS A 57 2.94 19.41 -4.17
CA LYS A 57 4.24 19.22 -4.84
C LYS A 57 5.08 18.26 -3.96
N PRO A 58 5.93 17.41 -4.59
CA PRO A 58 6.60 16.36 -3.80
C PRO A 58 7.42 16.84 -2.66
N GLN A 59 8.20 17.94 -2.73
CA GLN A 59 8.98 18.25 -1.46
CA GLN A 59 8.96 18.34 -1.51
C GLN A 59 8.11 18.71 -0.33
N ALA A 60 7.04 19.47 -0.59
CA ALA A 60 6.12 19.88 0.48
C ALA A 60 5.37 18.68 1.08
N MET A 61 5.06 17.72 0.20
CA MET A 61 4.39 16.52 0.61
C MET A 61 5.28 15.71 1.55
N GLN A 62 6.56 15.61 1.19
CA GLN A 62 7.51 14.90 1.95
CA GLN A 62 7.55 14.89 1.98
C GLN A 62 7.62 15.49 3.34
N ALA A 63 7.71 16.81 3.39
CA ALA A 63 7.76 17.49 4.73
C ALA A 63 6.54 17.33 5.58
N PHE A 64 5.34 17.47 4.95
CA PHE A 64 4.03 17.20 5.61
C PHE A 64 3.91 15.79 6.16
N LEU A 65 4.24 14.78 5.33
CA LEU A 65 4.09 13.42 5.79
C LEU A 65 5.08 13.06 6.87
N THR A 66 6.28 13.63 6.79
CA THR A 66 7.32 13.41 7.77
C THR A 66 6.86 13.92 9.15
N GLU A 67 6.24 15.09 9.13
CA GLU A 67 5.64 15.61 10.36
C GLU A 67 4.44 14.75 10.83
N TYR A 68 3.54 14.40 9.88
CA TYR A 68 2.32 13.66 10.19
C TYR A 68 2.65 12.40 10.87
N CYS A 69 3.68 11.68 10.43
CA CYS A 69 4.02 10.39 10.96
C CYS A 69 5.07 10.34 12.05
N GLY A 70 5.67 11.47 12.33
CA GLY A 70 6.82 11.42 13.16
C GLY A 70 8.00 10.70 12.59
N ALA A 71 8.25 10.87 11.29
CA ALA A 71 9.30 10.07 10.67
C ALA A 71 10.67 10.77 10.87
N ALA A 72 11.72 9.99 10.70
CA ALA A 72 13.08 10.53 10.67
C ALA A 72 13.36 11.23 9.37
N ALA A 73 14.42 12.05 9.43
N ALA A 73 14.35 12.16 9.24
CA ALA A 73 14.99 12.67 8.30
CA ALA A 73 14.33 13.19 8.13
C ALA A 73 15.26 11.65 7.23
C ALA A 73 14.00 12.90 6.65
N GLY A 74 14.65 11.85 6.08
CA GLY A 74 14.57 11.21 4.72
C GLY A 74 14.10 9.74 4.84
N GLN A 75 13.43 9.41 5.93
CA GLN A 75 12.78 8.14 6.08
C GLN A 75 11.66 7.92 5.00
N ILE A 76 10.94 8.97 4.70
CA ILE A 76 9.92 8.99 3.64
C ILE A 76 10.48 9.76 2.48
N ARG A 77 10.54 9.13 1.31
CA ARG A 77 10.93 9.76 0.10
C ARG A 77 9.61 9.92 -0.72
N VAL A 78 9.42 11.02 -1.40
CA VAL A 78 8.24 11.24 -2.20
C VAL A 78 8.67 11.45 -3.63
N PHE A 79 8.08 10.71 -4.58
CA PHE A 79 8.42 10.87 -5.97
C PHE A 79 7.18 11.21 -6.78
N GLY A 80 7.32 12.10 -7.75
CA GLY A 80 6.21 12.50 -8.58
C GLY A 80 5.89 11.44 -9.67
N GLN A 81 4.84 11.72 -10.43
CA GLN A 81 4.30 10.64 -11.29
C GLN A 81 5.04 10.35 -12.54
N ASN A 82 5.95 11.23 -12.94
CA ASN A 82 6.85 10.92 -14.00
C ASN A 82 8.27 11.00 -13.70
N ASP A 83 8.65 10.76 -12.46
CA ASP A 83 10.03 10.89 -12.12
C ASP A 83 10.76 9.60 -12.32
N TRP A 84 11.23 9.41 -13.52
CA TRP A 84 11.94 8.21 -13.93
C TRP A 84 13.33 8.07 -13.32
N MET A 85 13.83 9.11 -12.69
CA MET A 85 15.08 9.06 -11.92
C MET A 85 14.93 8.43 -10.55
N ALA A 86 13.70 8.17 -10.09
CA ALA A 86 13.46 7.58 -8.82
C ALA A 86 13.72 6.05 -8.79
N PRO A 87 14.12 5.47 -7.65
CA PRO A 87 14.48 4.05 -7.58
C PRO A 87 13.41 3.08 -8.12
N PRO A 88 12.13 3.36 -7.86
CA PRO A 88 11.12 2.37 -8.35
C PRO A 88 11.00 2.27 -9.81
N ALA A 89 11.59 3.14 -10.63
CA ALA A 89 11.40 3.11 -12.06
C ALA A 89 12.26 2.03 -12.73
N SER A 90 13.30 1.51 -12.05
CA SER A 90 14.24 0.56 -12.58
C SER A 90 14.41 -0.64 -11.71
N GLY A 91 14.54 -1.81 -12.36
CA GLY A 91 14.91 -2.97 -11.65
C GLY A 91 16.34 -3.04 -11.15
N SER A 92 17.16 -2.10 -11.58
CA SER A 92 18.49 -2.01 -11.03
C SER A 92 18.52 -1.29 -9.68
N SER A 93 17.39 -0.83 -9.22
CA SER A 93 17.28 -0.31 -7.90
C SER A 93 17.47 -1.32 -6.77
N ALA A 94 17.79 -0.83 -5.54
CA ALA A 94 17.77 -1.67 -4.38
C ALA A 94 16.41 -2.30 -4.22
N PRO A 95 16.39 -3.53 -3.72
CA PRO A 95 15.08 -4.20 -3.57
C PRO A 95 14.15 -3.56 -2.52
N ASN A 96 12.87 -3.40 -2.89
CA ASN A 96 11.91 -3.08 -1.90
CA ASN A 96 11.77 -2.76 -2.09
C ASN A 96 10.66 -3.86 -2.19
N ALA A 97 9.76 -3.89 -1.22
CA ALA A 97 8.42 -4.48 -1.40
C ALA A 97 7.54 -3.36 -1.85
N MET A 98 6.50 -3.64 -2.63
CA MET A 98 5.60 -2.61 -3.06
C MET A 98 4.18 -2.93 -2.65
N VAL A 99 3.50 -1.92 -2.17
CA VAL A 99 2.09 -2.04 -1.80
C VAL A 99 1.38 -0.92 -2.51
N ILE A 100 0.24 -1.22 -3.16
CA ILE A 100 -0.60 -0.23 -3.74
C ILE A 100 -1.91 -0.23 -2.93
N CYS A 101 -2.12 0.81 -2.11
CA CYS A 101 -3.16 0.83 -1.11
C CYS A 101 -3.68 2.25 -0.94
N PRO A 102 -4.89 2.59 -1.34
CA PRO A 102 -5.82 1.72 -2.11
C PRO A 102 -5.35 1.58 -3.54
N CYS A 103 -5.77 0.49 -4.20
CA CYS A 103 -5.48 0.25 -5.60
C CYS A 103 -6.76 0.41 -6.41
N SER A 104 -6.83 1.43 -7.22
CA SER A 104 -7.99 1.62 -8.10
C SER A 104 -8.12 0.47 -9.11
N THR A 105 -9.32 0.28 -9.66
CA THR A 105 -9.49 -0.74 -10.67
C THR A 105 -8.68 -0.34 -11.91
N GLY A 106 -8.47 0.95 -12.20
CA GLY A 106 -7.68 1.40 -13.31
C GLY A 106 -6.19 1.04 -13.12
N THR A 107 -5.68 1.16 -11.88
CA THR A 107 -4.33 0.76 -11.60
C THR A 107 -4.18 -0.74 -11.67
N LEU A 108 -5.13 -1.47 -11.14
CA LEU A 108 -5.12 -2.92 -11.25
C LEU A 108 -5.02 -3.37 -12.69
N SER A 109 -5.84 -2.76 -13.54
CA SER A 109 -5.78 -3.01 -15.01
C SER A 109 -4.39 -2.76 -15.56
N ALA A 110 -3.87 -1.57 -15.30
CA ALA A 110 -2.53 -1.23 -15.83
C ALA A 110 -1.49 -2.21 -15.40
N VAL A 111 -1.52 -2.62 -14.14
CA VAL A 111 -0.50 -3.59 -13.65
C VAL A 111 -0.71 -4.91 -14.33
N ALA A 112 -1.95 -5.36 -14.51
CA ALA A 112 -2.21 -6.68 -15.14
C ALA A 112 -1.85 -6.68 -16.61
N THR A 113 -1.97 -5.55 -17.32
CA THR A 113 -1.68 -5.50 -18.76
C THR A 113 -0.27 -5.03 -19.04
N GLY A 114 0.43 -4.46 -18.06
CA GLY A 114 1.76 -3.94 -18.31
C GLY A 114 1.83 -2.52 -18.79
N ALA A 115 0.73 -1.75 -18.61
CA ALA A 115 0.69 -0.41 -19.26
C ALA A 115 1.76 0.62 -18.84
N CYS A 116 2.26 0.56 -17.67
CA CYS A 116 3.36 1.63 -17.43
C CYS A 116 3.10 3.11 -17.86
N ASN A 117 2.02 3.74 -17.48
CA ASN A 117 1.64 5.05 -17.97
C ASN A 117 2.26 6.14 -17.03
N ASN A 118 2.71 5.74 -15.86
CA ASN A 118 3.23 6.64 -14.83
C ASN A 118 4.14 5.85 -13.90
N LEU A 119 4.76 6.52 -12.94
CA LEU A 119 5.72 5.83 -12.07
C LEU A 119 5.14 4.72 -11.22
N ILE A 120 3.90 4.86 -10.79
CA ILE A 120 3.26 3.79 -10.00
C ILE A 120 3.16 2.54 -10.84
N GLU A 121 2.68 2.69 -12.03
CA GLU A 121 2.43 1.52 -12.89
C GLU A 121 3.79 0.91 -13.28
N ARG A 122 4.78 1.74 -13.61
CA ARG A 122 6.10 1.23 -13.93
C ARG A 122 6.73 0.53 -12.73
N ALA A 123 6.57 1.10 -11.53
CA ALA A 123 7.11 0.49 -10.31
C ALA A 123 6.58 -0.94 -10.11
N ALA A 124 5.25 -1.06 -10.34
CA ALA A 124 4.65 -2.41 -10.25
C ALA A 124 5.15 -3.37 -11.29
N ASP A 125 5.37 -2.90 -12.50
CA ASP A 125 5.91 -3.69 -13.61
C ASP A 125 7.30 -4.18 -13.25
N VAL A 126 8.08 -3.28 -12.62
CA VAL A 126 9.42 -3.65 -12.14
C VAL A 126 9.37 -4.65 -11.01
N ALA A 127 8.45 -4.54 -10.06
CA ALA A 127 8.31 -5.48 -8.97
C ALA A 127 8.05 -6.85 -9.53
N LEU A 128 7.19 -6.95 -10.53
CA LEU A 128 6.83 -8.25 -11.10
C LEU A 128 8.05 -8.81 -11.84
N LYS A 129 8.72 -8.02 -12.64
CA LYS A 129 9.86 -8.58 -13.39
C LYS A 129 11.03 -9.01 -12.56
N GLU A 130 11.22 -8.35 -11.44
CA GLU A 130 12.29 -8.67 -10.53
C GLU A 130 11.89 -9.65 -9.44
N ARG A 131 10.63 -10.11 -9.44
N ARG A 131 10.62 -10.07 -9.45
CA ARG A 131 10.09 -11.02 -8.43
CA ARG A 131 10.05 -10.95 -8.47
C ARG A 131 10.15 -10.46 -6.99
C ARG A 131 10.29 -10.43 -7.05
N ARG A 132 9.96 -9.14 -6.89
CA ARG A 132 9.88 -8.48 -5.60
C ARG A 132 8.41 -8.43 -5.13
N PRO A 133 8.14 -8.37 -3.83
CA PRO A 133 6.79 -8.41 -3.34
C PRO A 133 5.93 -7.31 -3.90
N LEU A 134 4.70 -7.69 -4.28
CA LEU A 134 3.75 -6.73 -4.77
C LEU A 134 2.37 -7.05 -4.11
N VAL A 135 1.83 -6.14 -3.34
CA VAL A 135 0.56 -6.29 -2.69
C VAL A 135 -0.36 -5.23 -3.21
N LEU A 136 -1.56 -5.64 -3.72
CA LEU A 136 -2.56 -4.73 -4.26
C LEU A 136 -3.75 -4.78 -3.36
N VAL A 137 -4.26 -3.62 -3.02
CA VAL A 137 -5.37 -3.50 -2.07
C VAL A 137 -6.53 -2.81 -2.74
N PRO A 138 -7.33 -3.57 -3.52
CA PRO A 138 -8.44 -2.92 -4.20
C PRO A 138 -9.59 -2.60 -3.24
N ARG A 139 -10.33 -1.60 -3.60
CA ARG A 139 -11.60 -1.23 -2.84
C ARG A 139 -12.64 -0.86 -3.85
N GLU A 140 -13.50 -1.84 -4.16
CA GLU A 140 -14.49 -1.66 -5.23
C GLU A 140 -15.56 -2.64 -4.87
N ALA A 141 -16.78 -2.33 -5.25
CA ALA A 141 -17.87 -3.30 -5.18
C ALA A 141 -19.00 -2.85 -6.06
N PRO A 142 -19.69 -3.75 -6.77
CA PRO A 142 -19.22 -5.11 -7.10
C PRO A 142 -17.90 -5.12 -7.79
N PHE A 143 -17.24 -6.29 -7.78
CA PHE A 143 -16.09 -6.57 -8.69
C PHE A 143 -16.67 -7.08 -9.99
N SER A 144 -16.45 -6.47 -11.15
CA SER A 144 -16.86 -7.07 -12.38
C SER A 144 -15.89 -8.17 -12.84
N SER A 145 -16.28 -8.88 -13.89
CA SER A 145 -15.38 -9.87 -14.46
C SER A 145 -14.09 -9.27 -14.99
N ILE A 146 -14.14 -8.03 -15.45
CA ILE A 146 -12.90 -7.30 -15.89
CA ILE A 146 -12.83 -7.43 -15.89
C ILE A 146 -11.93 -7.25 -14.71
N HIS A 147 -12.45 -6.76 -13.60
CA HIS A 147 -11.62 -6.69 -12.39
C HIS A 147 -11.11 -8.01 -11.96
N LEU A 148 -11.97 -9.03 -11.95
CA LEU A 148 -11.59 -10.34 -11.42
C LEU A 148 -10.54 -11.02 -12.29
N GLU A 149 -10.68 -10.87 -13.62
CA GLU A 149 -9.66 -11.40 -14.54
C GLU A 149 -8.30 -10.76 -14.28
N ASN A 150 -8.29 -9.47 -14.09
CA ASN A 150 -7.02 -8.78 -13.84
C ASN A 150 -6.42 -9.24 -12.51
N MET A 151 -7.25 -9.35 -11.47
N MET A 151 -7.24 -9.32 -11.46
CA MET A 151 -6.75 -9.87 -10.19
CA MET A 151 -6.76 -9.85 -10.18
C MET A 151 -6.24 -11.30 -10.27
C MET A 151 -6.22 -11.26 -10.29
N LEU A 152 -6.95 -12.13 -10.97
CA LEU A 152 -6.51 -13.53 -11.14
C LEU A 152 -5.18 -13.61 -11.83
N LYS A 153 -5.02 -12.87 -12.93
CA LYS A 153 -3.78 -12.93 -13.67
C LYS A 153 -2.59 -12.58 -12.74
N LEU A 154 -2.79 -11.50 -11.99
CA LEU A 154 -1.73 -11.07 -11.12
C LEU A 154 -1.46 -11.96 -9.91
N SER A 155 -2.53 -12.50 -9.35
CA SER A 155 -2.38 -13.52 -8.32
C SER A 155 -1.64 -14.76 -8.77
N ASN A 156 -1.94 -15.21 -10.00
CA ASN A 156 -1.29 -16.36 -10.51
C ASN A 156 0.20 -16.07 -10.72
N LEU A 157 0.57 -14.85 -10.91
CA LEU A 157 1.99 -14.49 -11.07
C LEU A 157 2.67 -14.21 -9.76
N GLY A 158 1.96 -14.21 -8.64
CA GLY A 158 2.54 -14.17 -7.35
C GLY A 158 2.29 -12.81 -6.60
N ALA A 159 1.60 -11.87 -7.23
CA ALA A 159 1.09 -10.71 -6.50
C ALA A 159 0.08 -11.10 -5.50
N VAL A 160 -0.03 -10.36 -4.41
CA VAL A 160 -1.02 -10.66 -3.41
C VAL A 160 -2.17 -9.71 -3.54
N ILE A 161 -3.35 -10.24 -3.82
CA ILE A 161 -4.55 -9.45 -3.98
C ILE A 161 -5.26 -9.43 -2.63
N LEU A 162 -5.19 -8.30 -1.96
CA LEU A 162 -5.66 -8.17 -0.62
C LEU A 162 -6.77 -7.09 -0.54
N PRO A 163 -8.02 -7.48 -0.80
CA PRO A 163 -9.12 -6.50 -0.82
CA PRO A 163 -9.02 -6.41 -0.84
C PRO A 163 -9.27 -5.78 0.54
N ALA A 164 -9.75 -4.54 0.48
CA ALA A 164 -10.07 -3.76 1.71
C ALA A 164 -11.40 -4.22 2.27
N ALA A 165 -11.35 -5.46 2.78
CA ALA A 165 -12.51 -6.21 3.27
C ALA A 165 -12.25 -6.59 4.70
N PRO A 166 -12.48 -5.65 5.65
CA PRO A 166 -12.10 -5.93 7.05
C PRO A 166 -12.93 -7.02 7.69
N GLY A 167 -12.38 -7.79 8.63
CA GLY A 167 -13.07 -8.72 9.42
C GLY A 167 -13.60 -8.08 10.69
N PHE A 168 -14.48 -8.82 11.34
CA PHE A 168 -15.23 -8.26 12.49
C PHE A 168 -15.00 -9.12 13.72
N TYR A 169 -14.06 -10.02 13.65
CA TYR A 169 -13.86 -11.02 14.67
C TYR A 169 -12.95 -10.54 15.79
N HIS A 170 -12.52 -9.30 15.77
CA HIS A 170 -11.81 -8.75 16.96
CA HIS A 170 -11.62 -8.68 16.79
C HIS A 170 -12.42 -7.52 17.58
N GLN A 171 -13.71 -7.69 17.69
CA GLN A 171 -14.64 -6.76 18.36
C GLN A 171 -14.41 -5.31 17.99
N PRO A 172 -14.55 -4.95 16.70
CA PRO A 172 -14.18 -3.61 16.35
C PRO A 172 -15.19 -2.61 16.93
N GLN A 173 -14.67 -1.52 17.43
CA GLN A 173 -15.49 -0.48 18.10
C GLN A 173 -15.59 0.76 17.31
N SER A 174 -14.79 0.91 16.25
CA SER A 174 -14.71 2.15 15.53
C SER A 174 -14.34 1.85 14.10
N VAL A 175 -14.52 2.86 13.31
CA VAL A 175 -14.02 2.85 11.87
C VAL A 175 -12.53 2.57 11.94
N GLU A 176 -11.77 3.24 12.83
CA GLU A 176 -10.35 2.96 12.96
C GLU A 176 -9.94 1.53 13.23
N ASP A 177 -10.72 0.81 14.01
CA ASP A 177 -10.41 -0.57 14.22
C ASP A 177 -10.57 -1.42 12.93
N LEU A 178 -11.54 -1.07 12.09
CA LEU A 178 -11.66 -1.74 10.76
C LEU A 178 -10.51 -1.39 9.87
N VAL A 179 -10.10 -0.12 9.84
CA VAL A 179 -8.90 0.26 9.11
C VAL A 179 -7.72 -0.50 9.57
N ASP A 180 -7.52 -0.64 10.87
CA ASP A 180 -6.39 -1.36 11.39
C ASP A 180 -6.36 -2.84 11.10
N PHE A 181 -7.53 -3.47 10.92
CA PHE A 181 -7.59 -4.86 10.52
C PHE A 181 -6.87 -5.01 9.15
N VAL A 182 -7.28 -4.21 8.20
CA VAL A 182 -6.76 -4.34 6.82
C VAL A 182 -5.25 -4.03 6.84
N VAL A 183 -4.87 -2.97 7.55
CA VAL A 183 -3.44 -2.63 7.65
C VAL A 183 -2.65 -3.74 8.27
N ALA A 184 -3.18 -4.38 9.33
CA ALA A 184 -2.50 -5.52 9.94
C ALA A 184 -2.29 -6.67 8.99
N ARG A 185 -3.28 -6.86 8.10
CA ARG A 185 -3.14 -7.94 7.13
C ARG A 185 -2.06 -7.65 6.12
N ILE A 186 -1.92 -6.40 5.71
CA ILE A 186 -0.86 -5.98 4.82
C ILE A 186 0.50 -6.20 5.48
N LEU A 187 0.61 -5.76 6.74
CA LEU A 187 1.90 -5.95 7.38
C LEU A 187 2.22 -7.41 7.61
N ASN A 188 1.25 -8.22 7.98
CA ASN A 188 1.47 -9.67 8.06
C ASN A 188 1.99 -10.26 6.70
N THR A 189 1.41 -9.77 5.61
CA THR A 189 1.79 -10.25 4.25
C THR A 189 3.23 -9.93 3.94
N LEU A 190 3.61 -8.76 4.38
CA LEU A 190 4.97 -8.26 4.18
C LEU A 190 5.97 -8.86 5.16
N GLY A 191 5.51 -9.49 6.22
CA GLY A 191 6.37 -10.00 7.28
C GLY A 191 6.85 -8.95 8.28
N ILE A 192 6.15 -7.84 8.38
CA ILE A 192 6.48 -6.73 9.27
C ILE A 192 5.65 -6.90 10.54
N PRO A 193 6.29 -6.77 11.72
CA PRO A 193 5.50 -6.87 12.96
C PRO A 193 4.40 -5.94 13.15
N GLN A 194 3.34 -6.46 13.75
CA GLN A 194 2.23 -5.63 14.09
C GLN A 194 1.55 -6.20 15.33
N ASP A 195 0.92 -5.32 16.10
CA ASP A 195 0.17 -5.76 17.29
C ASP A 195 -1.26 -5.28 17.31
N MET A 196 -1.81 -4.95 16.17
CA MET A 196 -3.21 -4.53 16.07
C MET A 196 -4.14 -5.74 15.93
N LEU A 197 -3.65 -6.83 15.32
CA LEU A 197 -4.49 -8.03 15.13
C LEU A 197 -3.78 -9.24 15.73
N PRO A 198 -4.33 -9.82 16.83
CA PRO A 198 -3.74 -10.96 17.48
C PRO A 198 -3.60 -12.16 16.55
N ARG A 199 -2.72 -13.07 16.94
CA ARG A 199 -2.58 -14.32 16.19
C ARG A 199 -3.67 -15.27 16.57
N TRP A 200 -4.57 -15.59 15.64
CA TRP A 200 -5.68 -16.45 15.88
C TRP A 200 -5.32 -17.77 16.49
N GLY A 201 -6.01 -18.11 17.58
CA GLY A 201 -5.82 -19.44 18.18
C GLY A 201 -4.49 -19.76 18.81
N GLU A 202 -3.63 -18.76 19.00
CA GLU A 202 -2.29 -18.95 19.42
CA GLU A 202 -2.26 -18.95 19.42
C GLU A 202 -2.21 -19.61 20.81
N GLN A 203 -3.25 -19.39 21.60
CA GLN A 203 -3.21 -20.05 22.93
CA GLN A 203 -3.42 -19.91 23.00
C GLN A 203 -4.11 -21.26 23.07
N HIS A 204 -4.72 -21.69 21.95
CA HIS A 204 -5.61 -22.87 21.91
C HIS A 204 -4.70 -24.14 21.68
N LEU A 205 -4.60 -25.02 22.69
CA LEU A 205 -3.71 -26.22 22.62
C LEU A 205 -4.28 -27.49 22.06
N VAL A 206 -5.58 -27.62 22.24
CA VAL A 206 -6.28 -28.80 21.85
C VAL A 206 -7.79 -28.58 21.88
N SER A 207 -8.48 -29.24 20.94
CA SER A 207 -9.93 -29.72 20.99
C SER A 207 -10.64 -29.52 19.65
C9 4LU B . -15.22 -19.85 10.26
C8 4LU B . -15.53 -19.53 11.60
C7 4LU B . -15.16 -18.32 12.18
C10 4LU B . -14.21 -18.01 7.26
C6 4LU B . -14.45 -17.35 11.40
N3 4LU B . -14.11 -15.87 5.53
C2 4LU B . -14.28 -17.17 5.05
C13 4LU B . -15.06 -15.00 11.96
C5 4LU B . -13.97 -16.04 11.90
C1 4LU B . -12.99 -15.48 9.66
O2 4LU B . -14.41 -17.25 3.77
N1 4LU B . -14.38 -18.20 5.89
C4 4LU B . -14.09 -15.56 6.93
O4 4LU B . -14.02 -14.33 7.19
C4A 4LU B . -13.85 -16.72 7.75
N5 4LU B . -13.66 -16.69 9.19
C3 4LU B . -12.73 -15.66 11.15
C12 4LU B . -13.32 -16.25 13.39
C5A 4LU B . -14.20 -17.65 10.02
C7M 4LU B . -15.73 -17.97 13.53
C8M 4LU B . -16.46 -20.37 12.25
C9A 4LU B . -14.48 -18.88 9.47
N10 4LU B . -14.28 -19.07 8.12
C1' 4LU B . -14.24 -20.51 7.56
C2' 4LU B . -15.59 -21.02 7.06
O2' 4LU B . -16.60 -20.86 8.11
C3' 4LU B . -15.43 -22.44 6.63
O3' 4LU B . -14.41 -22.74 5.74
C4' 4LU B . -16.66 -23.26 6.71
O4' 4LU B . -16.44 -24.69 6.32
C5' 4LU B . -17.65 -22.53 5.82
O5' 4LU B . -18.83 -23.35 5.83
P 4LU B . -20.24 -22.66 5.30
O2P 4LU B . -20.76 -21.62 6.23
O3P 4LU B . -19.83 -22.13 3.78
O1P 4LU B . -21.26 -23.86 5.18
S SCN C . 12.02 -6.72 -0.58
C SCN C . 12.48 -7.44 -1.77
N SCN C . 12.84 -8.01 -2.71
S SCN D . 14.03 -14.28 -8.60
C SCN D . 13.02 -15.04 -7.79
N SCN D . 12.22 -15.61 -7.18
S SCN E . 6.44 -10.22 -7.93
C SCN E . 6.33 -11.15 -6.80
N SCN E . 6.27 -11.90 -5.94
P PO4 F . -9.18 -14.79 7.88
O1 PO4 F . -9.39 -13.37 8.10
O2 PO4 F . -10.23 -15.16 6.78
O3 PO4 F . -7.81 -15.13 7.29
O4 PO4 F . -9.54 -15.62 9.11
#